data_7OYF
#
_entry.id   7OYF
#
_cell.length_a   106.334
_cell.length_b   106.334
_cell.length_c   107.384
_cell.angle_alpha   90.000
_cell.angle_beta   90.000
_cell.angle_gamma   120.000
#
_symmetry.space_group_name_H-M   'P 31 2 1'
#
loop_
_entity.id
_entity.type
_entity.pdbx_description
1 polymer Depupylase
2 polymer 'Prokaryotic ubiquitin-like protein Pup'
3 non-polymer 'MAGNESIUM ION'
4 non-polymer "ADENOSINE-5'-DIPHOSPHATE"
5 non-polymer 1,2-ETHANEDIOL
6 non-polymer DI(HYDROXYETHYL)ETHER
7 non-polymer 'ACETATE ION'
8 non-polymer 'TRIETHYLENE GLYCOL'
9 non-polymer 'trifluoromagnesate monohydrate'
10 water water
#
loop_
_entity_poly.entity_id
_entity_poly.type
_entity_poly.pdbx_seq_one_letter_code
_entity_poly.pdbx_strand_id
1 'polypeptide(L)'
;MHRVMGIETEYGISVPHQPNANAMAASSQVVNAYAPIGAPAQRQARWDFEEENPLRDARGFEVAREAADPSQLTDEDLGL
ANVILTNGARLYVDHAHPEYSTPEVTNPRDAVLWDKAGERIMAEAARRAADLPMGWTIQLYKNNTDNKGASYGCHENYLM
NRSTPFADIVRHLIPFFVTRQVFCGAGRVGIGADGRGEGFQLSQRADFFEVEVGLETTLKRPIINTRDEPHADPEKYRRL
HVIIGDANMSEIATYLKLGTTALVLAMIEDGFLSQDFSVESPVGALRAVSHDPTLRYQLRLHDGRRLTAVQLQMEYLEQA
RKYVEDRFGTDVDDMTRDVLDRWETTLVRLADDPMQLSRDLDWVAKLSILEGYRQRENLPWSAHKLQLVDLQYHDVRPDR
GLYNRLVARGRMNLLVDEAAVRTAMHEPPNDTRAYFRGRCLAKFGAEIAAASWDSVIFDLPGRDSLQRVPTLEPLRGTRA
HVGDLLDRCRSATELVAALTGGENLYFQ
;
A
2 'polypeptide(L)' DAILDEIDDVLEENAEEFVRSYIQKGGE B
#
loop_
_chem_comp.id
_chem_comp.type
_chem_comp.name
_chem_comp.formula
ACT non-polymer 'ACETATE ION' 'C2 H3 O2 -1'
ADP non-polymer ADENOSINE-5'-DIPHOSPHATE 'C10 H15 N5 O10 P2'
EDO non-polymer 1,2-ETHANEDIOL 'C2 H6 O2'
KQB non-polymer 'trifluoromagnesate monohydrate' 'F3 H2 Mg O 1'
MG non-polymer 'MAGNESIUM ION' 'Mg 2'
PEG non-polymer DI(HYDROXYETHYL)ETHER 'C4 H10 O3'
PGE non-polymer 'TRIETHYLENE GLYCOL' 'C6 H14 O4'
#
# COMPACT_ATOMS: atom_id res chain seq x y z
N MET A 1 -19.09 -1.44 -4.10
CA MET A 1 -18.39 -1.51 -2.82
C MET A 1 -18.11 -0.10 -2.32
N HIS A 2 -18.21 0.15 -1.01
CA HIS A 2 -18.04 1.52 -0.55
C HIS A 2 -17.51 1.53 0.89
N ARG A 3 -16.22 1.86 1.05
CA ARG A 3 -15.60 2.11 2.34
C ARG A 3 -14.45 3.06 2.08
N VAL A 4 -14.37 4.17 2.85
CA VAL A 4 -13.25 5.09 2.67
C VAL A 4 -11.96 4.40 3.07
N MET A 5 -10.96 4.47 2.20
CA MET A 5 -9.71 3.76 2.45
C MET A 5 -8.57 4.54 1.78
N GLY A 6 -7.35 4.23 2.19
CA GLY A 6 -6.18 4.76 1.51
C GLY A 6 -4.95 3.94 1.83
N ILE A 7 -3.91 4.11 1.01
CA ILE A 7 -2.69 3.32 1.15
C ILE A 7 -1.49 4.25 1.25
N GLU A 8 -0.64 4.02 2.25
CA GLU A 8 0.64 4.72 2.36
C GLU A 8 1.76 3.77 2.02
N THR A 9 2.71 4.19 1.20
CA THR A 9 3.81 3.30 0.87
C THR A 9 5.13 4.04 1.06
N GLU A 10 5.99 3.50 1.93
CA GLU A 10 7.36 3.98 2.10
C GLU A 10 8.24 3.23 1.11
N TYR A 11 9.00 3.96 0.31
CA TYR A 11 9.82 3.33 -0.75
C TYR A 11 11.25 3.14 -0.27
N GLY A 12 11.84 2.00 -0.59
CA GLY A 12 13.28 1.85 -0.41
C GLY A 12 14.02 2.82 -1.29
N ILE A 13 15.16 3.34 -0.81
CA ILE A 13 15.86 4.39 -1.56
C ILE A 13 17.37 4.14 -1.51
N SER A 14 18.00 4.15 -2.69
CA SER A 14 19.41 3.79 -2.90
C SER A 14 20.08 4.87 -3.76
N VAL A 15 21.24 5.35 -3.32
CA VAL A 15 21.97 6.37 -4.09
C VAL A 15 23.43 5.90 -4.12
N PRO A 16 23.73 4.91 -4.96
CA PRO A 16 25.09 4.34 -4.97
C PRO A 16 26.13 5.34 -5.45
N HIS A 17 27.35 5.21 -4.94
CA HIS A 17 28.52 5.93 -5.47
C HIS A 17 28.39 7.45 -5.29
N GLN A 18 27.77 7.85 -4.18
CA GLN A 18 27.62 9.26 -3.84
C GLN A 18 27.92 9.39 -2.36
N PRO A 19 29.19 9.62 -2.01
CA PRO A 19 29.54 9.72 -0.58
C PRO A 19 28.90 10.89 0.13
N ASN A 20 28.45 11.91 -0.59
CA ASN A 20 27.74 13.02 0.02
CA ASN A 20 27.74 13.02 0.02
C ASN A 20 26.30 12.69 0.37
N ALA A 21 25.77 11.56 -0.09
CA ALA A 21 24.33 11.36 0.06
C ALA A 21 23.99 10.76 1.43
N ASN A 22 22.83 11.14 1.96
CA ASN A 22 22.23 10.40 3.06
C ASN A 22 20.75 10.18 2.71
N ALA A 23 20.10 9.26 3.42
CA ALA A 23 18.74 8.89 3.02
C ALA A 23 17.78 10.08 3.12
N MET A 24 17.92 10.90 4.17
CA MET A 24 17.04 12.07 4.31
C MET A 24 17.20 13.03 3.14
N ALA A 25 18.44 13.30 2.72
CA ALA A 25 18.66 14.21 1.60
C ALA A 25 18.13 13.62 0.30
N ALA A 26 18.40 12.33 0.08
CA ALA A 26 17.91 11.69 -1.14
C ALA A 26 16.40 11.69 -1.19
N SER A 27 15.76 11.37 -0.07
CA SER A 27 14.30 11.33 -0.02
C SER A 27 13.73 12.72 -0.26
N SER A 28 14.40 13.76 0.26
CA SER A 28 13.95 15.13 0.05
C SER A 28 14.05 15.52 -1.42
N GLN A 29 15.13 15.13 -2.08
CA GLN A 29 15.28 15.39 -3.51
C GLN A 29 14.13 14.77 -4.30
N VAL A 30 13.75 13.53 -3.97
CA VAL A 30 12.62 12.90 -4.65
C VAL A 30 11.34 13.73 -4.46
N VAL A 31 11.02 14.05 -3.21
CA VAL A 31 9.78 14.81 -2.93
C VAL A 31 9.85 16.19 -3.58
N ASN A 32 10.97 16.88 -3.41
CA ASN A 32 11.08 18.27 -3.88
C ASN A 32 11.20 18.34 -5.39
N ALA A 33 11.81 17.35 -6.03
CA ALA A 33 11.96 17.40 -7.48
C ALA A 33 10.66 17.17 -8.21
N TYR A 34 9.71 16.49 -7.58
CA TYR A 34 8.41 16.29 -8.22
C TYR A 34 7.54 17.54 -8.10
N ALA A 35 7.37 18.06 -6.89
CA ALA A 35 6.69 19.33 -6.63
C ALA A 35 6.78 19.68 -5.16
N GLN A 44 4.17 22.47 -5.31
CA GLN A 44 2.80 22.60 -4.79
C GLN A 44 2.80 23.25 -3.38
N ALA A 45 1.77 22.99 -2.58
CA ALA A 45 1.65 23.59 -1.25
C ALA A 45 2.13 22.62 -0.17
N ARG A 46 2.36 23.18 1.02
CA ARG A 46 2.97 22.48 2.15
C ARG A 46 1.91 21.91 3.11
N TRP A 47 2.36 21.00 3.98
CA TRP A 47 1.47 20.28 4.90
C TRP A 47 1.05 21.10 6.11
N ASP A 48 -0.25 21.08 6.40
CA ASP A 48 -0.81 21.80 7.54
C ASP A 48 -0.81 20.87 8.75
N PHE A 49 0.12 21.10 9.69
CA PHE A 49 0.16 20.29 10.90
C PHE A 49 -0.87 20.73 11.93
N GLU A 50 -1.46 21.92 11.76
CA GLU A 50 -2.58 22.40 12.58
C GLU A 50 -2.20 22.51 14.06
N LEU A 78 11.39 19.50 13.43
CA LEU A 78 11.98 19.65 12.10
C LEU A 78 10.98 19.28 11.01
N GLY A 79 10.57 20.29 10.23
CA GLY A 79 9.66 20.10 9.12
C GLY A 79 10.34 19.59 7.87
N LEU A 80 10.17 18.29 7.59
CA LEU A 80 10.73 17.63 6.42
C LEU A 80 9.92 17.97 5.17
N ALA A 81 10.49 17.66 4.00
CA ALA A 81 9.82 17.91 2.73
C ALA A 81 8.48 17.18 2.68
N ASN A 82 7.42 17.88 2.31
CA ASN A 82 6.06 17.37 2.52
C ASN A 82 5.12 18.16 1.62
N VAL A 83 4.52 17.52 0.62
CA VAL A 83 3.70 18.24 -0.36
C VAL A 83 2.38 17.51 -0.61
N ILE A 84 1.36 18.29 -0.95
CA ILE A 84 0.06 17.76 -1.40
C ILE A 84 0.02 17.87 -2.89
N LEU A 85 -0.37 16.80 -3.57
CA LEU A 85 -0.39 16.77 -5.02
C LEU A 85 -1.78 17.12 -5.55
N THR A 86 -1.83 17.45 -6.85
CA THR A 86 -3.14 17.81 -7.40
C THR A 86 -4.08 16.61 -7.55
N ASN A 87 -3.63 15.38 -7.31
CA ASN A 87 -4.56 14.26 -7.21
C ASN A 87 -5.02 14.02 -5.78
N GLY A 88 -4.72 14.93 -4.85
CA GLY A 88 -5.12 14.80 -3.46
C GLY A 88 -4.20 13.95 -2.59
N ALA A 89 -3.14 13.39 -3.16
CA ALA A 89 -2.19 12.53 -2.45
C ALA A 89 -1.22 13.37 -1.63
N ARG A 90 -0.57 12.71 -0.67
CA ARG A 90 0.53 13.29 0.10
C ARG A 90 1.83 12.65 -0.38
N LEU A 91 2.83 13.47 -0.62
CA LEU A 91 4.17 12.99 -0.97
C LEU A 91 5.15 13.61 0.02
N TYR A 92 5.85 12.79 0.81
CA TYR A 92 6.64 13.38 1.88
C TYR A 92 7.76 12.46 2.32
N VAL A 93 8.69 13.02 3.09
CA VAL A 93 9.80 12.26 3.62
C VAL A 93 9.37 11.73 4.99
N ASP A 94 9.41 10.42 5.17
CA ASP A 94 9.02 9.79 6.43
C ASP A 94 10.07 8.79 6.84
N HIS A 95 10.70 9.00 7.98
CA HIS A 95 11.62 8.01 8.53
C HIS A 95 12.75 7.69 7.55
N ALA A 96 13.26 8.72 6.83
CA ALA A 96 14.35 8.57 5.87
C ALA A 96 13.93 7.77 4.64
N HIS A 97 12.65 7.77 4.33
CA HIS A 97 12.15 7.19 3.08
C HIS A 97 11.22 8.18 2.43
N PRO A 98 11.17 8.24 1.11
CA PRO A 98 10.09 8.96 0.46
C PRO A 98 8.81 8.13 0.57
N GLU A 99 7.71 8.78 0.88
CA GLU A 99 6.46 8.10 1.14
C GLU A 99 5.37 8.75 0.30
N TYR A 100 4.54 7.92 -0.32
CA TYR A 100 3.36 8.34 -1.05
C TYR A 100 2.13 7.79 -0.35
N SER A 101 1.17 8.66 -0.07
CA SER A 101 -0.06 8.26 0.57
C SER A 101 -1.20 8.66 -0.36
N THR A 102 -2.01 7.67 -0.76
CA THR A 102 -3.04 7.94 -1.75
C THR A 102 -4.02 8.99 -1.22
N PRO A 103 -4.70 9.69 -2.12
CA PRO A 103 -5.97 10.32 -1.72
C PRO A 103 -6.92 9.30 -1.12
N GLU A 104 -7.87 9.78 -0.29
CA GLU A 104 -8.97 8.93 0.14
C GLU A 104 -9.77 8.43 -1.06
N VAL A 105 -10.03 7.11 -1.12
CA VAL A 105 -10.85 6.50 -2.16
C VAL A 105 -11.97 5.71 -1.48
N THR A 106 -12.93 5.21 -2.28
CA THR A 106 -14.10 4.54 -1.71
C THR A 106 -14.18 3.05 -2.03
N ASN A 107 -13.21 2.48 -2.72
CA ASN A 107 -13.32 1.10 -3.18
C ASN A 107 -11.94 0.62 -3.62
N PRO A 108 -11.74 -0.70 -3.67
CA PRO A 108 -10.38 -1.23 -3.89
C PRO A 108 -9.86 -1.04 -5.30
N ARG A 109 -10.72 -0.92 -6.31
CA ARG A 109 -10.18 -0.63 -7.62
C ARG A 109 -9.55 0.76 -7.66
N ASP A 110 -10.22 1.74 -7.06
CA ASP A 110 -9.64 3.09 -6.99
C ASP A 110 -8.41 3.10 -6.11
N ALA A 111 -8.42 2.31 -5.02
CA ALA A 111 -7.19 2.17 -4.24
C ALA A 111 -6.03 1.69 -5.11
N VAL A 112 -6.24 0.65 -5.92
CA VAL A 112 -5.20 0.18 -6.85
C VAL A 112 -4.76 1.32 -7.77
N LEU A 113 -5.72 2.03 -8.34
CA LEU A 113 -5.40 3.01 -9.38
C LEU A 113 -4.53 4.15 -8.83
N TRP A 114 -4.95 4.75 -7.73
CA TRP A 114 -4.16 5.87 -7.20
C TRP A 114 -2.88 5.40 -6.52
N ASP A 115 -2.83 4.14 -6.06
CA ASP A 115 -1.58 3.61 -5.54
C ASP A 115 -0.58 3.34 -6.65
N LYS A 116 -1.07 2.85 -7.78
CA LYS A 116 -0.17 2.67 -8.93
C LYS A 116 0.28 4.04 -9.48
N ALA A 117 -0.60 5.04 -9.47
CA ALA A 117 -0.17 6.39 -9.81
C ALA A 117 1.01 6.81 -8.93
N GLY A 118 0.99 6.38 -7.67
CA GLY A 118 2.11 6.64 -6.78
C GLY A 118 3.41 6.07 -7.29
N GLU A 119 3.36 4.87 -7.85
CA GLU A 119 4.61 4.29 -8.36
C GLU A 119 5.14 5.13 -9.50
N ARG A 120 4.24 5.59 -10.38
CA ARG A 120 4.67 6.39 -11.52
C ARG A 120 5.22 7.73 -11.06
N ILE A 121 4.61 8.30 -10.02
CA ILE A 121 5.08 9.56 -9.46
C ILE A 121 6.48 9.38 -8.87
N MET A 122 6.70 8.27 -8.15
CA MET A 122 8.03 8.01 -7.59
C MET A 122 9.06 7.90 -8.72
N ALA A 123 8.75 7.13 -9.76
CA ALA A 123 9.71 6.96 -10.86
C ALA A 123 10.01 8.30 -11.53
N GLU A 124 8.99 9.11 -11.77
CA GLU A 124 9.20 10.41 -12.39
C GLU A 124 9.98 11.35 -11.46
N ALA A 125 9.67 11.32 -10.16
CA ALA A 125 10.39 12.15 -9.20
C ALA A 125 11.88 11.85 -9.22
N ALA A 126 12.25 10.57 -9.18
CA ALA A 126 13.65 10.19 -9.23
C ALA A 126 14.32 10.66 -10.53
N ARG A 127 13.62 10.53 -11.67
CA ARG A 127 14.15 11.03 -12.94
C ARG A 127 14.40 12.53 -12.89
N ARG A 128 13.46 13.30 -12.32
CA ARG A 128 13.63 14.74 -12.15
C ARG A 128 14.76 15.06 -11.17
N ALA A 129 14.90 14.26 -10.12
CA ALA A 129 15.98 14.49 -9.17
C ALA A 129 17.34 14.39 -9.83
N ALA A 130 17.46 13.56 -10.87
CA ALA A 130 18.74 13.41 -11.56
C ALA A 130 19.18 14.69 -12.25
N ASP A 131 18.26 15.61 -12.49
CA ASP A 131 18.55 16.90 -13.12
C ASP A 131 18.81 18.00 -12.09
N LEU A 132 18.70 17.70 -10.80
CA LEU A 132 19.08 18.69 -9.78
C LEU A 132 20.58 18.94 -9.84
N PRO A 133 21.05 20.06 -9.29
CA PRO A 133 22.51 20.34 -9.34
C PRO A 133 23.37 19.24 -8.79
N MET A 134 22.90 18.51 -7.76
CA MET A 134 23.70 17.42 -7.17
C MET A 134 23.87 16.25 -8.13
N GLY A 135 22.95 16.06 -9.05
CA GLY A 135 23.10 15.03 -10.06
C GLY A 135 23.06 13.60 -9.58
N TRP A 136 22.29 13.31 -8.53
CA TRP A 136 22.30 11.94 -7.99
C TRP A 136 21.40 11.02 -8.82
N THR A 137 21.91 9.83 -9.11
CA THR A 137 21.08 8.72 -9.63
C THR A 137 20.43 8.01 -8.44
N ILE A 138 19.13 8.18 -8.29
CA ILE A 138 18.40 7.67 -7.14
C ILE A 138 17.54 6.50 -7.59
N GLN A 139 17.70 5.36 -6.91
CA GLN A 139 16.88 4.17 -7.18
C GLN A 139 15.82 4.04 -6.10
N LEU A 140 14.60 3.67 -6.50
CA LEU A 140 13.49 3.51 -5.56
C LEU A 140 12.87 2.12 -5.73
N TYR A 141 12.42 1.54 -4.61
CA TYR A 141 11.96 0.15 -4.56
C TYR A 141 10.66 0.11 -3.78
N LYS A 142 9.61 -0.40 -4.42
CA LYS A 142 8.31 -0.56 -3.76
C LYS A 142 8.27 -1.90 -3.02
N ASN A 143 9.10 -2.01 -1.98
CA ASN A 143 9.20 -3.26 -1.22
C ASN A 143 9.23 -2.91 0.27
N ASN A 144 9.67 -3.85 1.12
CA ASN A 144 9.56 -3.60 2.55
C ASN A 144 10.80 -3.93 3.36
N THR A 145 11.89 -4.35 2.75
CA THR A 145 13.02 -4.73 3.59
C THR A 145 14.30 -4.69 2.77
N ASP A 146 15.42 -4.49 3.46
CA ASP A 146 16.73 -4.64 2.82
C ASP A 146 17.32 -6.03 2.98
N ASN A 147 16.56 -7.00 3.54
CA ASN A 147 16.99 -8.36 3.81
C ASN A 147 18.15 -8.43 4.80
N LYS A 148 18.44 -7.35 5.50
CA LYS A 148 19.52 -7.29 6.48
C LYS A 148 19.03 -6.84 7.85
N GLY A 149 17.73 -6.88 8.11
CA GLY A 149 17.25 -6.49 9.42
C GLY A 149 16.48 -5.19 9.49
N ALA A 150 16.37 -4.42 8.40
CA ALA A 150 15.58 -3.21 8.41
C ALA A 150 14.30 -3.42 7.61
N SER A 151 13.18 -2.90 8.13
CA SER A 151 11.93 -3.00 7.38
C SER A 151 11.28 -1.62 7.36
N TYR A 152 10.47 -1.39 6.33
CA TYR A 152 9.74 -0.13 6.17
C TYR A 152 8.38 -0.51 5.58
N GLY A 153 7.42 0.41 5.67
CA GLY A 153 6.01 0.05 5.76
C GLY A 153 5.14 0.38 4.56
N CYS A 154 4.17 -0.48 4.32
CA CYS A 154 3.06 -0.19 3.42
C CYS A 154 1.80 -0.28 4.28
N HIS A 155 1.17 0.85 4.57
CA HIS A 155 0.05 0.86 5.52
C HIS A 155 -1.27 0.97 4.76
N GLU A 156 -2.28 0.26 5.24
CA GLU A 156 -3.63 0.41 4.73
C GLU A 156 -4.46 1.11 5.77
N ASN A 157 -5.34 1.99 5.32
CA ASN A 157 -6.20 2.75 6.20
C ASN A 157 -7.65 2.52 5.82
N TYR A 158 -8.50 2.24 6.81
CA TYR A 158 -9.91 1.94 6.58
C TYR A 158 -10.77 2.74 7.56
N LEU A 159 -11.73 3.47 7.02
CA LEU A 159 -12.68 4.20 7.85
C LEU A 159 -13.75 3.25 8.38
N MET A 160 -13.99 3.30 9.70
CA MET A 160 -14.98 2.43 10.34
C MET A 160 -15.84 3.21 11.33
N ASN A 161 -16.94 2.59 11.74
CA ASN A 161 -17.79 3.09 12.83
C ASN A 161 -17.00 3.17 14.13
N ARG A 162 -17.02 4.34 14.78
CA ARG A 162 -16.44 4.43 16.12
C ARG A 162 -17.08 3.41 17.07
N SER A 163 -18.39 3.12 16.91
CA SER A 163 -19.06 2.27 17.87
C SER A 163 -18.63 0.79 17.80
N THR A 164 -18.00 0.33 16.73
CA THR A 164 -17.59 -1.07 16.71
C THR A 164 -16.59 -1.36 17.82
N PRO A 165 -16.83 -2.37 18.68
CA PRO A 165 -15.96 -2.57 19.83
C PRO A 165 -14.59 -3.09 19.39
N PHE A 166 -13.55 -2.50 19.96
CA PHE A 166 -12.21 -2.85 19.47
C PHE A 166 -11.84 -4.31 19.75
N ALA A 167 -12.36 -4.91 20.82
CA ALA A 167 -11.99 -6.30 21.09
C ALA A 167 -12.46 -7.24 19.99
N ASP A 168 -13.59 -6.92 19.35
CA ASP A 168 -14.05 -7.69 18.19
C ASP A 168 -13.18 -7.45 16.97
N ILE A 169 -12.75 -6.19 16.76
CA ILE A 169 -11.82 -5.89 15.68
C ILE A 169 -10.57 -6.75 15.82
N VAL A 170 -9.99 -6.78 17.03
CA VAL A 170 -8.76 -7.55 17.26
C VAL A 170 -9.01 -9.04 17.03
N ARG A 171 -10.04 -9.60 17.66
CA ARG A 171 -10.07 -11.06 17.67
C ARG A 171 -10.45 -11.63 16.31
N HIS A 172 -11.21 -10.88 15.50
CA HIS A 172 -11.52 -11.39 14.16
C HIS A 172 -10.47 -11.03 13.12
N LEU A 173 -9.71 -9.94 13.32
CA LEU A 173 -8.72 -9.59 12.29
C LEU A 173 -7.40 -10.31 12.47
N ILE A 174 -6.98 -10.66 13.69
CA ILE A 174 -5.68 -11.33 13.84
C ILE A 174 -5.60 -12.59 13.00
N PRO A 175 -6.56 -13.53 13.06
CA PRO A 175 -6.43 -14.75 12.22
C PRO A 175 -6.47 -14.45 10.74
N PHE A 176 -7.24 -13.44 10.31
CA PHE A 176 -7.29 -13.03 8.92
C PHE A 176 -5.94 -12.47 8.47
N PHE A 177 -5.33 -11.62 9.30
CA PHE A 177 -4.05 -11.02 8.93
C PHE A 177 -2.93 -12.05 8.95
N VAL A 178 -3.01 -13.05 9.85
CA VAL A 178 -2.01 -14.11 9.90
C VAL A 178 -1.97 -14.89 8.60
N THR A 179 -3.12 -15.04 7.94
CA THR A 179 -3.24 -15.94 6.80
C THR A 179 -3.37 -15.25 5.44
N ARG A 180 -3.67 -13.96 5.39
CA ARG A 180 -3.95 -13.39 4.08
C ARG A 180 -2.70 -13.24 3.23
N GLN A 181 -1.52 -13.35 3.84
CA GLN A 181 -0.29 -13.37 3.06
C GLN A 181 -0.27 -14.49 2.03
N VAL A 182 -1.13 -15.51 2.13
CA VAL A 182 -1.06 -16.54 1.08
C VAL A 182 -1.45 -15.96 -0.27
N PHE A 183 -2.19 -14.85 -0.32
CA PHE A 183 -2.34 -14.15 -1.58
C PHE A 183 -1.79 -12.73 -1.58
N CYS A 184 -1.57 -12.10 -0.40
CA CYS A 184 -1.01 -10.75 -0.31
C CYS A 184 0.52 -10.71 -0.30
N GLY A 185 1.20 -11.82 -0.03
CA GLY A 185 2.64 -11.76 0.19
C GLY A 185 3.36 -11.39 -1.11
N ALA A 186 4.45 -10.63 -0.96
CA ALA A 186 5.26 -10.23 -2.12
C ALA A 186 6.46 -11.13 -2.32
N GLY A 187 6.75 -12.03 -1.38
CA GLY A 187 7.87 -12.96 -1.47
C GLY A 187 9.16 -12.39 -0.90
N ARG A 188 9.98 -13.27 -0.34
CA ARG A 188 11.24 -12.83 0.24
C ARG A 188 12.24 -13.98 0.20
N VAL A 189 13.48 -13.68 -0.18
CA VAL A 189 14.57 -14.65 -0.12
C VAL A 189 15.32 -14.42 1.18
N GLY A 190 15.37 -15.44 2.06
CA GLY A 190 16.01 -15.27 3.34
C GLY A 190 14.99 -15.38 4.46
N ILE A 191 15.35 -16.07 5.53
CA ILE A 191 14.44 -16.44 6.61
C ILE A 191 14.97 -15.83 7.90
N GLY A 192 14.07 -15.22 8.67
CA GLY A 192 14.47 -14.50 9.86
C GLY A 192 14.69 -13.04 9.55
N ALA A 193 14.46 -12.19 10.55
CA ALA A 193 14.59 -10.75 10.34
C ALA A 193 15.96 -10.37 9.79
N ASP A 194 17.02 -11.04 10.27
CA ASP A 194 18.36 -10.72 9.79
C ASP A 194 18.73 -11.43 8.50
N GLY A 195 17.87 -12.30 7.96
CA GLY A 195 18.13 -12.95 6.70
C GLY A 195 19.12 -14.09 6.72
N ARG A 196 19.52 -14.56 7.90
CA ARG A 196 20.56 -15.58 7.98
C ARG A 196 20.07 -17.00 7.71
N GLY A 197 18.76 -17.23 7.73
CA GLY A 197 18.23 -18.54 7.39
C GLY A 197 18.04 -18.67 5.89
N GLU A 198 18.30 -19.87 5.38
CA GLU A 198 18.24 -20.11 3.94
C GLU A 198 16.84 -20.54 3.53
N GLY A 199 16.31 -19.90 2.49
CA GLY A 199 15.03 -20.31 1.95
C GLY A 199 14.16 -19.17 1.45
N PHE A 200 12.99 -19.49 0.92
CA PHE A 200 12.03 -18.54 0.39
C PHE A 200 10.82 -18.49 1.32
N GLN A 201 10.26 -17.30 1.51
CA GLN A 201 9.06 -17.18 2.32
C GLN A 201 8.05 -16.28 1.63
N LEU A 202 6.82 -16.34 2.12
CA LEU A 202 5.71 -15.67 1.45
C LEU A 202 5.78 -14.16 1.62
N SER A 203 6.21 -13.68 2.78
CA SER A 203 6.05 -12.25 3.03
C SER A 203 7.33 -11.61 3.56
N GLN A 204 7.52 -10.35 3.16
CA GLN A 204 8.66 -9.59 3.67
C GLN A 204 8.45 -9.13 5.09
N ARG A 205 7.20 -8.81 5.47
CA ARG A 205 6.99 -8.22 6.79
C ARG A 205 6.94 -9.23 7.94
N ALA A 206 6.62 -10.50 7.68
CA ALA A 206 6.23 -11.40 8.77
C ALA A 206 7.29 -11.50 9.85
N ASP A 207 8.57 -11.58 9.46
CA ASP A 207 9.63 -11.76 10.44
C ASP A 207 9.82 -10.56 11.36
N PHE A 208 9.21 -9.42 11.04
CA PHE A 208 9.36 -8.20 11.81
C PHE A 208 8.24 -8.00 12.80
N PHE A 209 7.28 -8.90 12.87
CA PHE A 209 6.16 -8.72 13.80
C PHE A 209 6.38 -9.58 15.03
N GLU A 210 6.12 -8.97 16.18
CA GLU A 210 6.57 -9.51 17.45
C GLU A 210 5.49 -9.61 18.50
N VAL A 211 4.39 -8.87 18.37
CA VAL A 211 3.34 -8.85 19.39
C VAL A 211 1.99 -8.81 18.68
N GLU A 212 0.93 -9.06 19.45
CA GLU A 212 -0.41 -9.10 18.86
C GLU A 212 -1.01 -7.72 18.66
N VAL A 213 -0.90 -6.83 19.65
CA VAL A 213 -1.62 -5.55 19.66
C VAL A 213 -0.71 -4.48 20.24
N GLY A 214 -0.69 -3.29 19.64
CA GLY A 214 0.08 -2.21 20.23
C GLY A 214 0.13 -0.98 19.36
N LEU A 215 0.91 0.02 19.81
CA LEU A 215 1.03 1.30 19.12
C LEU A 215 2.17 1.38 18.13
N GLU A 216 3.16 0.50 18.25
CA GLU A 216 4.40 0.67 17.53
C GLU A 216 4.21 0.49 16.04
N THR A 217 5.04 1.17 15.26
CA THR A 217 5.13 0.88 13.83
C THR A 217 6.55 0.59 13.36
N THR A 218 7.59 0.90 14.16
CA THR A 218 9.00 0.74 13.72
C THR A 218 9.79 -0.35 14.41
N LEU A 219 9.28 -0.91 15.51
CA LEU A 219 10.00 -1.95 16.23
C LEU A 219 8.94 -2.69 17.03
N LYS A 220 9.26 -3.92 17.45
CA LYS A 220 8.31 -4.76 18.21
C LYS A 220 6.90 -4.68 17.62
N ARG A 221 6.82 -4.89 16.30
CA ARG A 221 5.61 -4.48 15.60
C ARG A 221 4.41 -5.37 15.96
N PRO A 222 3.23 -4.76 16.12
CA PRO A 222 2.01 -5.52 16.42
C PRO A 222 1.24 -5.92 15.18
N ILE A 223 0.67 -7.13 15.23
CA ILE A 223 -0.26 -7.57 14.20
C ILE A 223 -1.40 -6.56 14.04
N ILE A 224 -1.93 -6.06 15.16
CA ILE A 224 -2.98 -5.04 15.15
C ILE A 224 -2.38 -3.77 15.75
N ASN A 225 -2.22 -2.76 14.92
CA ASN A 225 -1.80 -1.45 15.40
C ASN A 225 -3.03 -0.68 15.90
N THR A 226 -2.89 -0.01 17.05
CA THR A 226 -4.06 0.59 17.72
C THR A 226 -4.20 2.08 17.50
N ARG A 227 -3.33 2.73 16.72
CA ARG A 227 -3.49 4.18 16.54
C ARG A 227 -4.81 4.51 15.85
N ASP A 228 -5.51 5.53 16.37
CA ASP A 228 -6.87 5.88 15.88
C ASP A 228 -6.96 7.38 15.65
N GLU A 229 -6.53 7.82 14.47
CA GLU A 229 -6.43 9.23 14.11
C GLU A 229 -7.21 9.44 12.80
N PRO A 230 -8.53 9.61 12.87
CA PRO A 230 -9.33 9.57 11.64
C PRO A 230 -9.27 10.82 10.78
N HIS A 231 -8.76 11.94 11.28
CA HIS A 231 -8.77 13.19 10.51
C HIS A 231 -10.18 13.48 10.03
N ALA A 232 -11.15 13.20 10.91
CA ALA A 232 -12.58 13.27 10.65
C ALA A 232 -13.25 13.28 12.02
N ASP A 233 -14.58 13.36 12.04
CA ASP A 233 -15.31 13.47 13.32
C ASP A 233 -15.04 12.28 14.22
N PRO A 234 -14.28 12.43 15.32
CA PRO A 234 -13.95 11.25 16.14
C PRO A 234 -15.12 10.71 16.95
N GLU A 235 -16.26 11.41 16.98
CA GLU A 235 -17.48 10.89 17.56
C GLU A 235 -18.14 9.85 16.65
N LYS A 236 -17.92 9.95 15.34
CA LYS A 236 -18.50 9.04 14.37
C LYS A 236 -17.57 7.93 13.91
N TYR A 237 -16.28 8.24 13.74
CA TYR A 237 -15.39 7.40 12.95
C TYR A 237 -14.19 6.89 13.72
N ARG A 238 -13.81 5.67 13.43
CA ARG A 238 -12.49 5.14 13.70
C ARG A 238 -11.73 5.00 12.39
N ARG A 239 -10.46 5.35 12.39
CA ARG A 239 -9.57 5.01 11.26
C ARG A 239 -8.73 3.81 11.69
N LEU A 240 -8.95 2.66 11.03
CA LEU A 240 -8.13 1.48 11.32
C LEU A 240 -6.84 1.59 10.51
N HIS A 241 -5.71 1.50 11.20
CA HIS A 241 -4.38 1.71 10.62
C HIS A 241 -3.71 0.35 10.58
N VAL A 242 -3.67 -0.27 9.41
CA VAL A 242 -3.14 -1.62 9.25
C VAL A 242 -1.71 -1.53 8.74
N ILE A 243 -0.77 -2.22 9.40
CA ILE A 243 0.64 -2.10 9.06
C ILE A 243 1.28 -3.40 8.62
N ILE A 244 0.53 -4.51 8.61
CA ILE A 244 1.16 -5.82 8.44
C ILE A 244 1.41 -6.21 6.99
N GLY A 245 0.81 -5.54 6.02
CA GLY A 245 0.89 -6.00 4.63
C GLY A 245 2.18 -5.59 3.93
N ASP A 246 2.65 -6.47 3.04
CA ASP A 246 3.72 -6.13 2.09
C ASP A 246 3.20 -5.13 1.05
N ALA A 247 4.08 -4.23 0.60
CA ALA A 247 3.77 -3.50 -0.63
C ALA A 247 3.65 -4.50 -1.78
N ASN A 248 2.66 -4.30 -2.64
CA ASN A 248 2.49 -5.19 -3.80
C ASN A 248 2.74 -4.42 -5.08
N MET A 249 3.39 -5.08 -6.04
CA MET A 249 3.41 -4.58 -7.42
C MET A 249 2.15 -5.00 -8.17
N SER A 250 1.84 -6.28 -8.11
CA SER A 250 0.68 -6.81 -8.82
C SER A 250 -0.62 -6.10 -8.41
N GLU A 251 -1.35 -5.60 -9.42
CA GLU A 251 -2.61 -4.93 -9.18
C GLU A 251 -3.66 -5.88 -8.63
N ILE A 252 -3.55 -7.16 -8.97
CA ILE A 252 -4.51 -8.14 -8.46
C ILE A 252 -4.31 -8.33 -6.98
N ALA A 253 -3.03 -8.40 -6.56
CA ALA A 253 -2.73 -8.58 -5.15
C ALA A 253 -3.19 -7.38 -4.32
N THR A 254 -2.94 -6.16 -4.80
CA THR A 254 -3.37 -4.99 -4.05
C THR A 254 -4.89 -4.94 -3.97
N TYR A 255 -5.57 -5.20 -5.09
CA TYR A 255 -7.03 -5.26 -5.12
C TYR A 255 -7.60 -6.25 -4.10
N LEU A 256 -7.06 -7.47 -4.06
CA LEU A 256 -7.52 -8.48 -3.11
C LEU A 256 -7.21 -8.07 -1.67
N LYS A 257 -6.00 -7.56 -1.44
CA LYS A 257 -5.62 -7.11 -0.10
C LYS A 257 -6.62 -6.12 0.46
N LEU A 258 -6.90 -5.06 -0.28
CA LEU A 258 -7.82 -4.02 0.19
C LEU A 258 -9.27 -4.51 0.18
N GLY A 259 -9.66 -5.23 -0.88
CA GLY A 259 -11.05 -5.61 -1.05
C GLY A 259 -11.52 -6.66 -0.06
N THR A 260 -10.71 -7.71 0.14
CA THR A 260 -11.08 -8.75 1.10
C THR A 260 -11.07 -8.20 2.52
N THR A 261 -10.08 -7.36 2.86
CA THR A 261 -10.06 -6.76 4.19
C THR A 261 -11.31 -5.91 4.41
N ALA A 262 -11.74 -5.15 3.41
CA ALA A 262 -12.94 -4.32 3.58
C ALA A 262 -14.19 -5.17 3.79
N LEU A 263 -14.28 -6.33 3.13
CA LEU A 263 -15.41 -7.22 3.34
C LEU A 263 -15.40 -7.80 4.75
N VAL A 264 -14.23 -8.19 5.23
CA VAL A 264 -14.14 -8.70 6.61
C VAL A 264 -14.51 -7.59 7.60
N LEU A 265 -14.09 -6.36 7.34
CA LEU A 265 -14.43 -5.24 8.23
C LEU A 265 -15.94 -5.02 8.30
N ALA A 266 -16.64 -5.16 7.17
CA ALA A 266 -18.10 -5.01 7.22
C ALA A 266 -18.75 -6.07 8.12
N MET A 267 -18.28 -7.33 8.04
CA MET A 267 -18.72 -8.40 8.92
C MET A 267 -18.44 -8.10 10.38
N ILE A 268 -17.25 -7.57 10.70
CA ILE A 268 -16.92 -7.26 12.09
C ILE A 268 -17.80 -6.13 12.59
N GLU A 269 -17.99 -5.08 11.77
CA GLU A 269 -18.80 -3.95 12.20
C GLU A 269 -20.21 -4.38 12.52
N ASP A 270 -20.75 -5.31 11.75
CA ASP A 270 -22.14 -5.75 11.91
C ASP A 270 -22.28 -6.89 12.92
N GLY A 271 -21.20 -7.34 13.54
CA GLY A 271 -21.28 -8.43 14.50
C GLY A 271 -21.74 -9.72 13.87
N PHE A 272 -21.41 -9.94 12.60
CA PHE A 272 -21.88 -11.10 11.85
C PHE A 272 -21.09 -12.37 12.18
N LEU A 273 -19.83 -12.26 12.56
CA LEU A 273 -18.99 -13.44 12.75
C LEU A 273 -19.28 -14.06 14.11
N SER A 274 -19.94 -15.22 14.10
CA SER A 274 -20.20 -15.92 15.34
C SER A 274 -19.13 -16.96 15.68
N GLN A 275 -18.35 -17.41 14.72
CA GLN A 275 -17.30 -18.38 15.00
C GLN A 275 -16.14 -17.71 15.74
N ASP A 276 -15.33 -18.56 16.36
CA ASP A 276 -14.08 -18.13 16.99
C ASP A 276 -12.95 -18.57 16.07
N PHE A 277 -12.29 -17.61 15.43
CA PHE A 277 -11.17 -17.95 14.56
C PHE A 277 -9.81 -17.88 15.23
N SER A 278 -9.75 -17.55 16.53
CA SER A 278 -8.48 -17.29 17.18
CA SER A 278 -8.49 -17.29 17.20
C SER A 278 -7.58 -18.51 17.16
N VAL A 279 -6.28 -18.27 17.07
CA VAL A 279 -5.29 -19.32 16.94
C VAL A 279 -4.29 -19.24 18.08
N GLU A 280 -3.69 -20.39 18.39
CA GLU A 280 -2.62 -20.41 19.36
C GLU A 280 -1.40 -19.70 18.78
N SER A 281 -0.71 -18.93 19.61
CA SER A 281 0.54 -18.28 19.24
C SER A 281 0.46 -17.59 17.87
N PRO A 282 -0.40 -16.59 17.73
CA PRO A 282 -0.59 -15.99 16.40
C PRO A 282 0.67 -15.35 15.83
N VAL A 283 1.56 -14.79 16.65
CA VAL A 283 2.79 -14.25 16.06
C VAL A 283 3.65 -15.39 15.52
N GLY A 284 3.76 -16.48 16.29
CA GLY A 284 4.47 -17.64 15.79
C GLY A 284 3.84 -18.22 14.55
N ALA A 285 2.51 -18.20 14.49
CA ALA A 285 1.83 -18.74 13.31
C ALA A 285 2.04 -17.82 12.09
N LEU A 286 2.09 -16.51 12.30
CA LEU A 286 2.36 -15.62 11.16
C LEU A 286 3.69 -15.98 10.52
N ARG A 287 4.71 -16.24 11.33
CA ARG A 287 6.02 -16.57 10.78
C ARG A 287 6.04 -17.95 10.19
N ALA A 288 5.38 -18.91 10.83
CA ALA A 288 5.35 -20.27 10.31
C ALA A 288 4.62 -20.33 8.96
N VAL A 289 3.53 -19.57 8.82
CA VAL A 289 2.82 -19.54 7.55
C VAL A 289 3.73 -18.97 6.46
N SER A 290 4.37 -17.84 6.75
CA SER A 290 5.24 -17.20 5.76
C SER A 290 6.37 -18.15 5.36
N HIS A 291 6.95 -18.85 6.34
CA HIS A 291 8.10 -19.72 6.07
C HIS A 291 7.75 -21.02 5.39
N ASP A 292 6.48 -21.29 5.10
CA ASP A 292 6.08 -22.52 4.38
C ASP A 292 5.37 -22.19 3.09
N PRO A 293 6.10 -21.91 2.01
CA PRO A 293 5.45 -21.62 0.74
C PRO A 293 4.83 -22.84 0.07
N THR A 294 4.91 -24.03 0.64
CA THR A 294 4.09 -25.12 0.14
C THR A 294 2.67 -25.04 0.63
N LEU A 295 2.38 -24.17 1.60
CA LEU A 295 1.02 -23.85 2.05
C LEU A 295 0.37 -25.02 2.79
N ARG A 296 1.19 -25.87 3.42
CA ARG A 296 0.67 -27.00 4.15
C ARG A 296 0.69 -26.84 5.67
N TYR A 297 1.43 -25.86 6.21
CA TYR A 297 1.48 -25.63 7.66
C TYR A 297 0.07 -25.44 8.21
N GLN A 298 -0.21 -26.05 9.36
CA GLN A 298 -1.54 -26.01 9.95
C GLN A 298 -1.55 -25.12 11.18
N LEU A 299 -2.46 -24.17 11.19
CA LEU A 299 -2.71 -23.38 12.38
C LEU A 299 -3.53 -24.19 13.38
N ARG A 300 -3.26 -23.99 14.66
CA ARG A 300 -4.02 -24.63 15.73
C ARG A 300 -4.99 -23.63 16.31
N LEU A 301 -6.25 -23.79 15.96
CA LEU A 301 -7.29 -22.89 16.45
C LEU A 301 -7.64 -23.21 17.89
N HIS A 302 -8.04 -22.17 18.63
CA HIS A 302 -8.46 -22.39 20.02
C HIS A 302 -9.66 -23.32 20.12
N ASP A 303 -10.51 -23.36 19.11
CA ASP A 303 -11.67 -24.25 19.19
C ASP A 303 -11.34 -25.69 18.83
N GLY A 304 -10.06 -26.02 18.63
CA GLY A 304 -9.63 -27.37 18.34
C GLY A 304 -9.34 -27.65 16.89
N ARG A 305 -9.87 -26.87 15.96
CA ARG A 305 -9.65 -27.14 14.55
C ARG A 305 -8.15 -26.99 14.19
N ARG A 306 -7.76 -27.68 13.12
CA ARG A 306 -6.42 -27.53 12.54
C ARG A 306 -6.61 -27.26 11.07
N LEU A 307 -6.23 -26.07 10.64
CA LEU A 307 -6.50 -25.59 9.29
C LEU A 307 -5.23 -24.97 8.73
N THR A 308 -4.98 -25.17 7.43
CA THR A 308 -3.94 -24.40 6.78
C THR A 308 -4.39 -22.94 6.65
N ALA A 309 -3.42 -22.06 6.37
CA ALA A 309 -3.79 -20.67 6.11
C ALA A 309 -4.80 -20.56 4.97
N VAL A 310 -4.62 -21.34 3.90
CA VAL A 310 -5.59 -21.29 2.80
C VAL A 310 -6.96 -21.73 3.28
N GLN A 311 -7.01 -22.78 4.10
CA GLN A 311 -8.30 -23.24 4.64
C GLN A 311 -8.94 -22.19 5.54
N LEU A 312 -8.16 -21.53 6.39
CA LEU A 312 -8.76 -20.51 7.24
C LEU A 312 -9.29 -19.35 6.39
N GLN A 313 -8.57 -18.98 5.33
CA GLN A 313 -9.04 -17.93 4.44
C GLN A 313 -10.35 -18.34 3.79
N MET A 314 -10.47 -19.61 3.43
CA MET A 314 -11.73 -20.07 2.85
CA MET A 314 -11.73 -20.08 2.85
C MET A 314 -12.89 -19.93 3.83
N GLU A 315 -12.63 -20.09 5.12
CA GLU A 315 -13.69 -19.86 6.13
C GLU A 315 -14.14 -18.41 6.14
N TYR A 316 -13.19 -17.45 6.06
CA TYR A 316 -13.59 -16.04 5.99
C TYR A 316 -14.36 -15.76 4.72
N LEU A 317 -13.90 -16.31 3.59
CA LEU A 317 -14.59 -16.07 2.33
C LEU A 317 -16.02 -16.59 2.40
N GLU A 318 -16.22 -17.78 2.97
CA GLU A 318 -17.58 -18.33 3.02
C GLU A 318 -18.49 -17.47 3.86
N GLN A 319 -18.00 -16.95 4.98
CA GLN A 319 -18.81 -16.04 5.78
C GLN A 319 -19.08 -14.74 5.03
N ALA A 320 -18.08 -14.24 4.28
CA ALA A 320 -18.31 -13.03 3.50
C ALA A 320 -19.39 -13.25 2.44
N ARG A 321 -19.41 -14.42 1.80
CA ARG A 321 -20.47 -14.72 0.85
C ARG A 321 -21.84 -14.72 1.54
N LYS A 322 -21.95 -15.39 2.69
CA LYS A 322 -23.21 -15.42 3.42
C LYS A 322 -23.63 -14.04 3.85
N TYR A 323 -22.68 -13.23 4.31
CA TYR A 323 -23.00 -11.87 4.73
C TYR A 323 -23.62 -11.08 3.59
N VAL A 324 -23.00 -11.12 2.42
CA VAL A 324 -23.46 -10.36 1.28
C VAL A 324 -24.82 -10.88 0.81
N GLU A 325 -25.01 -12.20 0.80
CA GLU A 325 -26.30 -12.80 0.42
C GLU A 325 -27.40 -12.37 1.38
N ASP A 326 -27.12 -12.50 2.68
CA ASP A 326 -28.09 -12.14 3.71
C ASP A 326 -28.48 -10.67 3.59
N ARG A 327 -27.51 -9.80 3.30
CA ARG A 327 -27.75 -8.38 3.36
C ARG A 327 -28.40 -7.87 2.09
N PHE A 328 -27.94 -8.33 0.93
CA PHE A 328 -28.30 -7.71 -0.34
C PHE A 328 -29.05 -8.63 -1.30
N GLY A 329 -28.99 -9.94 -1.11
CA GLY A 329 -29.56 -10.84 -2.12
C GLY A 329 -28.71 -10.82 -3.37
N THR A 330 -29.36 -10.85 -4.54
CA THR A 330 -28.63 -10.72 -5.81
C THR A 330 -28.33 -9.27 -6.14
N ASP A 331 -28.85 -8.34 -5.33
CA ASP A 331 -28.68 -6.90 -5.42
C ASP A 331 -27.29 -6.45 -4.93
N VAL A 332 -26.31 -7.28 -5.17
CA VAL A 332 -24.92 -6.98 -4.84
C VAL A 332 -24.33 -6.11 -5.93
N ASP A 333 -23.53 -5.11 -5.56
CA ASP A 333 -22.81 -4.34 -6.57
C ASP A 333 -21.72 -5.18 -7.22
N ASP A 334 -21.37 -4.80 -8.45
CA ASP A 334 -20.50 -5.64 -9.26
C ASP A 334 -19.11 -5.77 -8.66
N MET A 335 -18.60 -4.72 -8.01
CA MET A 335 -17.26 -4.83 -7.48
C MET A 335 -17.22 -5.81 -6.30
N THR A 336 -18.22 -5.77 -5.42
CA THR A 336 -18.28 -6.75 -4.33
C THR A 336 -18.32 -8.16 -4.86
N ARG A 337 -19.14 -8.42 -5.88
CA ARG A 337 -19.19 -9.74 -6.50
C ARG A 337 -17.83 -10.11 -7.07
N ASP A 338 -17.15 -9.16 -7.71
CA ASP A 338 -15.84 -9.44 -8.31
C ASP A 338 -14.78 -9.76 -7.25
N VAL A 339 -14.76 -9.00 -6.15
CA VAL A 339 -13.80 -9.30 -5.09
C VAL A 339 -14.04 -10.70 -4.54
N LEU A 340 -15.31 -11.05 -4.29
CA LEU A 340 -15.61 -12.38 -3.75
C LEU A 340 -15.18 -13.47 -4.72
N ASP A 341 -15.46 -13.27 -6.00
CA ASP A 341 -15.13 -14.26 -7.02
C ASP A 341 -13.61 -14.45 -7.14
N ARG A 342 -12.88 -13.34 -7.18
CA ARG A 342 -11.41 -13.41 -7.27
C ARG A 342 -10.80 -13.99 -6.01
N TRP A 343 -11.35 -13.64 -4.85
CA TRP A 343 -10.88 -14.22 -3.60
C TRP A 343 -11.05 -15.74 -3.61
N GLU A 344 -12.23 -16.21 -3.99
CA GLU A 344 -12.45 -17.65 -4.00
C GLU A 344 -11.60 -18.35 -5.05
N THR A 345 -11.56 -17.79 -6.27
CA THR A 345 -10.77 -18.40 -7.34
C THR A 345 -9.31 -18.48 -6.95
N THR A 346 -8.78 -17.43 -6.31
CA THR A 346 -7.39 -17.45 -5.88
C THR A 346 -7.15 -18.53 -4.84
N LEU A 347 -8.03 -18.64 -3.83
CA LEU A 347 -7.84 -19.64 -2.78
C LEU A 347 -7.94 -21.07 -3.35
N VAL A 348 -8.84 -21.28 -4.30
CA VAL A 348 -8.97 -22.60 -4.92
C VAL A 348 -7.71 -22.95 -5.70
N ARG A 349 -7.17 -22.00 -6.45
CA ARG A 349 -5.95 -22.29 -7.20
C ARG A 349 -4.75 -22.44 -6.28
N LEU A 350 -4.71 -21.71 -5.16
CA LEU A 350 -3.62 -21.85 -4.20
C LEU A 350 -3.60 -23.25 -3.60
N ALA A 351 -4.79 -23.80 -3.31
CA ALA A 351 -4.84 -25.14 -2.74
C ALA A 351 -4.54 -26.20 -3.79
N ASP A 352 -4.81 -25.91 -5.05
CA ASP A 352 -4.55 -26.86 -6.12
C ASP A 352 -3.09 -26.85 -6.56
N ASP A 353 -2.62 -25.72 -7.12
CA ASP A 353 -1.22 -25.60 -7.50
C ASP A 353 -0.90 -24.11 -7.55
N PRO A 354 -0.19 -23.59 -6.57
CA PRO A 354 0.03 -22.13 -6.50
C PRO A 354 0.72 -21.55 -7.73
N MET A 355 1.53 -22.33 -8.46
CA MET A 355 2.23 -21.76 -9.61
C MET A 355 1.33 -21.40 -10.78
N GLN A 356 0.08 -21.86 -10.81
CA GLN A 356 -0.79 -21.30 -11.83
C GLN A 356 -1.15 -19.85 -11.59
N LEU A 357 -0.76 -19.27 -10.44
CA LEU A 357 -1.07 -17.88 -10.14
C LEU A 357 0.11 -16.94 -10.44
N SER A 358 1.04 -17.35 -11.30
CA SER A 358 2.24 -16.56 -11.56
C SER A 358 1.95 -15.28 -12.30
N ARG A 359 0.76 -15.12 -12.88
CA ARG A 359 0.35 -13.87 -13.51
C ARG A 359 -0.45 -12.97 -12.58
N ASP A 360 -0.74 -13.40 -11.36
CA ASP A 360 -1.63 -12.65 -10.47
C ASP A 360 -0.97 -12.24 -9.17
N LEU A 361 -0.17 -13.10 -8.55
CA LEU A 361 0.34 -12.83 -7.20
C LEU A 361 1.83 -12.54 -7.24
N ASP A 362 2.28 -11.61 -6.39
CA ASP A 362 3.69 -11.20 -6.43
C ASP A 362 4.61 -12.34 -6.01
N TRP A 363 4.32 -13.01 -4.88
CA TRP A 363 5.27 -14.00 -4.42
C TRP A 363 5.37 -15.15 -5.42
N VAL A 364 4.29 -15.48 -6.11
CA VAL A 364 4.34 -16.55 -7.10
C VAL A 364 5.09 -16.10 -8.34
N ALA A 365 4.80 -14.89 -8.82
CA ALA A 365 5.54 -14.39 -9.97
C ALA A 365 7.02 -14.32 -9.67
N LYS A 366 7.37 -13.83 -8.47
CA LYS A 366 8.77 -13.78 -8.07
C LYS A 366 9.36 -15.17 -7.93
N LEU A 367 8.63 -16.08 -7.28
CA LEU A 367 9.13 -17.43 -7.09
C LEU A 367 9.38 -18.12 -8.43
N SER A 368 8.52 -17.84 -9.42
CA SER A 368 8.68 -18.48 -10.71
CA SER A 368 8.68 -18.49 -10.71
C SER A 368 10.00 -18.09 -11.37
N ILE A 369 10.40 -16.81 -11.25
CA ILE A 369 11.71 -16.35 -11.73
C ILE A 369 12.82 -16.99 -10.89
N LEU A 370 12.66 -16.98 -9.57
CA LEU A 370 13.71 -17.51 -8.69
C LEU A 370 13.96 -18.99 -8.96
N GLU A 371 12.88 -19.76 -9.09
CA GLU A 371 13.07 -21.19 -9.32
C GLU A 371 13.66 -21.46 -10.70
N GLY A 372 13.33 -20.62 -11.68
CA GLY A 372 13.92 -20.76 -13.00
C GLY A 372 15.43 -20.62 -12.98
N TYR A 373 15.93 -19.61 -12.28
CA TYR A 373 17.37 -19.44 -12.12
C TYR A 373 17.98 -20.56 -11.29
N ARG A 374 17.28 -21.00 -10.24
CA ARG A 374 17.78 -22.11 -9.45
C ARG A 374 17.95 -23.36 -10.30
N GLN A 375 16.99 -23.62 -11.19
CA GLN A 375 17.07 -24.79 -12.06
C GLN A 375 18.16 -24.61 -13.11
N ARG A 376 18.12 -23.48 -13.82
CA ARG A 376 19.04 -23.23 -14.91
CA ARG A 376 19.04 -23.21 -14.91
C ARG A 376 20.49 -23.16 -14.44
N GLU A 377 20.74 -22.66 -13.23
CA GLU A 377 22.12 -22.44 -12.78
C GLU A 377 22.50 -23.21 -11.52
N ASN A 378 21.66 -24.14 -11.06
CA ASN A 378 21.96 -24.97 -9.88
CA ASN A 378 21.94 -24.97 -9.88
C ASN A 378 22.36 -24.09 -8.69
N LEU A 379 21.51 -23.09 -8.37
CA LEU A 379 21.81 -22.13 -7.30
C LEU A 379 21.15 -22.57 -6.01
N PRO A 380 21.88 -22.56 -4.90
CA PRO A 380 21.26 -22.69 -3.59
C PRO A 380 20.55 -21.40 -3.19
N TRP A 381 19.68 -21.51 -2.17
CA TRP A 381 18.86 -20.37 -1.78
C TRP A 381 19.67 -19.21 -1.20
N SER A 382 20.93 -19.43 -0.82
CA SER A 382 21.79 -18.36 -0.34
C SER A 382 22.50 -17.59 -1.45
N ALA A 383 22.30 -17.95 -2.71
CA ALA A 383 23.02 -17.32 -3.81
C ALA A 383 22.67 -15.84 -3.93
N HIS A 384 23.69 -15.00 -4.15
CA HIS A 384 23.46 -13.56 -4.19
CA HIS A 384 23.48 -13.56 -4.21
C HIS A 384 22.56 -13.17 -5.36
N LYS A 385 22.62 -13.88 -6.47
CA LYS A 385 21.75 -13.55 -7.59
C LYS A 385 20.28 -13.63 -7.21
N LEU A 386 19.93 -14.54 -6.30
CA LEU A 386 18.53 -14.64 -5.89
C LEU A 386 18.12 -13.45 -5.01
N GLN A 387 19.05 -12.94 -4.22
CA GLN A 387 18.78 -11.73 -3.44
C GLN A 387 18.52 -10.56 -4.37
N LEU A 388 19.30 -10.48 -5.47
CA LEU A 388 19.15 -9.39 -6.42
C LEU A 388 17.79 -9.44 -7.11
N VAL A 389 17.37 -10.62 -7.54
CA VAL A 389 16.03 -10.77 -8.14
C VAL A 389 14.95 -10.37 -7.14
N ASP A 390 15.10 -10.80 -5.87
CA ASP A 390 14.12 -10.49 -4.82
C ASP A 390 13.94 -8.99 -4.70
N LEU A 391 15.04 -8.24 -4.78
CA LEU A 391 14.98 -6.79 -4.60
CA LEU A 391 14.98 -6.79 -4.61
C LEU A 391 14.55 -6.09 -5.89
N GLN A 392 15.20 -6.42 -7.02
CA GLN A 392 14.96 -5.68 -8.25
C GLN A 392 13.58 -5.93 -8.81
N TYR A 393 12.88 -6.97 -8.34
CA TYR A 393 11.48 -7.14 -8.71
C TYR A 393 10.70 -5.87 -8.44
N HIS A 394 11.07 -5.13 -7.38
CA HIS A 394 10.32 -3.98 -6.91
C HIS A 394 10.88 -2.63 -7.38
N ASP A 395 11.89 -2.63 -8.25
CA ASP A 395 12.45 -1.40 -8.79
C ASP A 395 11.38 -0.65 -9.60
N VAL A 396 11.20 0.64 -9.33
CA VAL A 396 10.11 1.36 -9.98
C VAL A 396 10.41 1.72 -11.43
N ARG A 397 11.64 1.54 -11.89
CA ARG A 397 11.96 1.91 -13.27
C ARG A 397 11.22 1.01 -14.26
N PRO A 398 10.60 1.58 -15.28
CA PRO A 398 9.87 0.74 -16.25
C PRO A 398 10.80 -0.13 -17.06
N ASP A 399 12.05 0.29 -17.25
CA ASP A 399 13.02 -0.45 -18.06
C ASP A 399 13.88 -1.43 -17.28
N ARG A 400 13.92 -1.36 -15.94
CA ARG A 400 14.79 -2.25 -15.17
C ARG A 400 14.07 -3.07 -14.10
N GLY A 401 12.93 -2.60 -13.59
CA GLY A 401 12.25 -3.36 -12.55
C GLY A 401 11.66 -4.64 -13.11
N LEU A 402 11.81 -5.75 -12.38
CA LEU A 402 11.48 -7.04 -12.96
C LEU A 402 9.97 -7.22 -13.09
N TYR A 403 9.18 -6.80 -12.10
CA TYR A 403 7.74 -6.78 -12.29
C TYR A 403 7.36 -5.97 -13.53
N ASN A 404 7.93 -4.77 -13.66
CA ASN A 404 7.61 -3.94 -14.82
C ASN A 404 8.03 -4.62 -16.13
N ARG A 405 9.13 -5.38 -16.12
CA ARG A 405 9.50 -6.13 -17.32
C ARG A 405 8.50 -7.24 -17.61
N LEU A 406 8.03 -7.92 -16.57
CA LEU A 406 6.96 -8.92 -16.76
C LEU A 406 5.73 -8.30 -17.41
N VAL A 407 5.32 -7.12 -16.94
CA VAL A 407 4.16 -6.44 -17.53
C VAL A 407 4.44 -6.11 -18.98
N ALA A 408 5.64 -5.60 -19.27
CA ALA A 408 6.01 -5.22 -20.64
C ALA A 408 5.96 -6.41 -21.60
N ARG A 409 6.24 -7.61 -21.12
CA ARG A 409 6.20 -8.81 -21.96
C ARG A 409 4.85 -9.53 -21.89
N GLY A 410 3.83 -8.90 -21.29
CA GLY A 410 2.52 -9.52 -21.22
C GLY A 410 2.43 -10.70 -20.30
N ARG A 411 3.26 -10.75 -19.26
CA ARG A 411 3.30 -11.88 -18.35
C ARG A 411 2.59 -11.61 -17.02
N MET A 412 1.87 -10.48 -16.88
CA MET A 412 1.12 -10.18 -15.67
C MET A 412 -0.26 -9.66 -16.01
N ASN A 413 -1.26 -10.16 -15.29
CA ASN A 413 -2.61 -9.63 -15.43
C ASN A 413 -2.70 -8.26 -14.78
N LEU A 414 -3.38 -7.34 -15.44
CA LEU A 414 -3.58 -5.99 -14.92
C LEU A 414 -5.05 -5.80 -14.57
N LEU A 415 -5.29 -4.87 -13.64
CA LEU A 415 -6.64 -4.51 -13.26
C LEU A 415 -7.08 -3.18 -13.87
N VAL A 416 -6.16 -2.25 -14.10
CA VAL A 416 -6.49 -0.92 -14.62
C VAL A 416 -5.60 -0.68 -15.83
N ASP A 417 -5.97 0.29 -16.66
CA ASP A 417 -5.10 0.47 -17.80
C ASP A 417 -4.25 1.71 -17.62
N GLU A 418 -3.16 1.75 -18.36
CA GLU A 418 -2.12 2.73 -18.09
C GLU A 418 -2.61 4.17 -18.30
N ALA A 419 -3.52 4.40 -19.25
CA ALA A 419 -4.05 5.75 -19.43
C ALA A 419 -4.77 6.25 -18.18
N ALA A 420 -5.54 5.39 -17.52
CA ALA A 420 -6.21 5.82 -16.29
C ALA A 420 -5.21 6.06 -15.17
N VAL A 421 -4.14 5.25 -15.09
CA VAL A 421 -3.08 5.47 -14.10
C VAL A 421 -2.46 6.85 -14.31
N ARG A 422 -2.11 7.19 -15.55
CA ARG A 422 -1.52 8.51 -15.82
C ARG A 422 -2.48 9.62 -15.43
N THR A 423 -3.78 9.45 -15.69
CA THR A 423 -4.73 10.48 -15.30
C THR A 423 -4.78 10.61 -13.78
N ALA A 424 -4.67 9.49 -13.06
CA ALA A 424 -4.74 9.50 -11.60
C ALA A 424 -3.50 10.11 -10.96
N MET A 425 -2.38 10.24 -11.68
CA MET A 425 -1.26 11.02 -11.17
C MET A 425 -1.62 12.48 -10.92
N HIS A 426 -2.53 13.06 -11.70
CA HIS A 426 -2.81 14.47 -11.49
C HIS A 426 -4.28 14.80 -11.21
N GLU A 427 -5.19 13.86 -11.33
CA GLU A 427 -6.58 14.16 -11.01
CA GLU A 427 -6.58 14.16 -11.01
C GLU A 427 -7.02 13.34 -9.79
N PRO A 428 -7.75 13.96 -8.87
CA PRO A 428 -8.19 13.25 -7.65
C PRO A 428 -9.41 12.37 -7.91
N PRO A 429 -9.74 11.48 -6.98
CA PRO A 429 -11.04 10.80 -7.03
C PRO A 429 -12.18 11.80 -6.95
N ASN A 430 -13.30 11.46 -7.61
CA ASN A 430 -14.45 12.35 -7.67
C ASN A 430 -15.34 12.26 -6.45
N ASP A 431 -15.21 11.20 -5.65
CA ASP A 431 -16.25 10.84 -4.69
C ASP A 431 -15.74 10.87 -3.24
N THR A 432 -14.67 11.59 -2.98
CA THR A 432 -14.24 11.87 -1.61
C THR A 432 -13.79 13.33 -1.55
N ARG A 433 -13.51 13.78 -0.33
CA ARG A 433 -12.99 15.14 -0.12
C ARG A 433 -11.65 15.39 -0.79
N ALA A 434 -10.94 14.34 -1.23
CA ALA A 434 -9.73 14.57 -2.02
C ALA A 434 -10.03 15.35 -3.28
N TYR A 435 -11.27 15.25 -3.78
CA TYR A 435 -11.64 16.03 -4.96
C TYR A 435 -11.42 17.52 -4.73
N PHE A 436 -11.98 18.05 -3.64
CA PHE A 436 -11.80 19.47 -3.35
C PHE A 436 -10.33 19.79 -3.14
N ARG A 437 -9.63 18.96 -2.37
CA ARG A 437 -8.22 19.22 -2.07
C ARG A 437 -7.40 19.28 -3.36
N GLY A 438 -7.51 18.27 -4.21
CA GLY A 438 -6.68 18.21 -5.41
C GLY A 438 -7.03 19.28 -6.44
N ARG A 439 -8.33 19.55 -6.61
CA ARG A 439 -8.74 20.53 -7.62
C ARG A 439 -8.39 21.95 -7.19
N CYS A 440 -8.48 22.23 -5.90
CA CYS A 440 -8.02 23.51 -5.38
C CYS A 440 -6.54 23.73 -5.70
N LEU A 441 -5.71 22.72 -5.44
CA LEU A 441 -4.29 22.87 -5.72
C LEU A 441 -4.05 23.04 -7.21
N ALA A 442 -4.82 22.33 -8.03
CA ALA A 442 -4.60 22.44 -9.47
C ALA A 442 -5.00 23.81 -9.99
N LYS A 443 -6.10 24.37 -9.46
CA LYS A 443 -6.66 25.57 -10.05
C LYS A 443 -6.22 26.84 -9.33
N PHE A 444 -6.02 26.79 -8.02
CA PHE A 444 -5.70 27.95 -7.19
C PHE A 444 -4.43 27.74 -6.39
N GLY A 445 -3.48 26.97 -6.94
CA GLY A 445 -2.34 26.54 -6.16
C GLY A 445 -1.54 27.69 -5.58
N ALA A 446 -1.38 28.76 -6.37
CA ALA A 446 -0.61 29.91 -5.91
C ALA A 446 -1.22 30.55 -4.66
N GLU A 447 -2.51 30.34 -4.42
CA GLU A 447 -3.16 30.93 -3.26
C GLU A 447 -3.50 29.90 -2.18
N ILE A 448 -2.89 28.71 -2.23
CA ILE A 448 -3.06 27.70 -1.17
C ILE A 448 -1.85 27.76 -0.25
N ALA A 449 -2.04 28.21 0.98
CA ALA A 449 -0.92 28.24 1.92
C ALA A 449 -0.52 26.83 2.34
N ALA A 450 -1.49 25.99 2.64
CA ALA A 450 -1.21 24.66 3.14
C ALA A 450 -2.48 23.82 3.00
N ALA A 451 -2.29 22.50 3.07
CA ALA A 451 -3.45 21.62 3.07
C ALA A 451 -3.10 20.37 3.88
N SER A 452 -4.15 19.64 4.25
CA SER A 452 -3.99 18.35 4.91
C SER A 452 -5.22 17.53 4.60
N TRP A 453 -5.34 16.35 5.24
CA TRP A 453 -6.52 15.49 5.02
C TRP A 453 -7.79 16.20 5.48
N ASP A 454 -7.71 17.08 6.49
CA ASP A 454 -8.95 17.68 6.99
C ASP A 454 -8.99 19.21 6.86
N SER A 455 -8.15 19.82 6.02
CA SER A 455 -8.19 21.25 5.85
C SER A 455 -7.55 21.68 4.53
N VAL A 456 -8.00 22.81 4.01
CA VAL A 456 -7.30 23.55 2.96
C VAL A 456 -7.19 24.99 3.45
N ILE A 457 -6.01 25.58 3.35
CA ILE A 457 -5.75 26.92 3.91
C ILE A 457 -5.36 27.86 2.79
N PHE A 458 -6.17 28.90 2.61
CA PHE A 458 -6.01 29.85 1.52
C PHE A 458 -5.28 31.10 1.99
N ASP A 459 -4.45 31.65 1.11
CA ASP A 459 -3.76 32.92 1.35
C ASP A 459 -4.30 33.89 0.29
N LEU A 460 -5.26 34.73 0.69
CA LEU A 460 -5.90 35.57 -0.31
C LEU A 460 -5.19 36.92 -0.40
N PRO A 461 -5.08 37.48 -1.61
CA PRO A 461 -4.39 38.77 -1.78
C PRO A 461 -5.16 39.88 -1.09
N GLY A 462 -4.44 40.71 -0.36
CA GLY A 462 -5.06 41.74 0.43
C GLY A 462 -5.53 41.32 1.81
N ARG A 463 -5.53 40.03 2.11
CA ARG A 463 -6.07 39.58 3.39
C ARG A 463 -4.97 39.42 4.43
N ASP A 464 -5.16 40.12 5.55
CA ASP A 464 -4.37 39.97 6.76
C ASP A 464 -4.14 38.53 7.17
N SER A 465 -5.20 37.72 7.14
CA SER A 465 -5.22 36.42 7.78
C SER A 465 -5.33 35.30 6.76
N LEU A 466 -4.95 34.11 7.19
CA LEU A 466 -5.21 32.90 6.43
C LEU A 466 -6.66 32.46 6.63
N GLN A 467 -7.24 31.83 5.61
CA GLN A 467 -8.60 31.30 5.65
C GLN A 467 -8.51 29.77 5.68
N ARG A 468 -8.81 29.16 6.82
CA ARG A 468 -8.80 27.70 6.97
CA ARG A 468 -8.80 27.70 6.95
C ARG A 468 -10.19 27.17 6.62
N VAL A 469 -10.29 26.43 5.52
CA VAL A 469 -11.53 25.74 5.15
C VAL A 469 -11.47 24.30 5.68
N PRO A 470 -12.19 23.95 6.73
CA PRO A 470 -12.13 22.57 7.22
C PRO A 470 -12.90 21.62 6.31
N THR A 471 -12.31 20.47 6.03
CA THR A 471 -12.94 19.43 5.23
C THR A 471 -13.06 18.17 6.09
N LEU A 472 -13.97 18.21 7.05
CA LEU A 472 -13.94 17.20 8.11
C LEU A 472 -14.62 15.88 7.74
N GLU A 473 -15.51 15.86 6.74
CA GLU A 473 -16.20 14.62 6.35
CA GLU A 473 -16.20 14.63 6.35
C GLU A 473 -15.56 14.05 5.09
N PRO A 474 -15.01 12.84 5.16
CA PRO A 474 -14.38 12.23 3.98
C PRO A 474 -15.29 12.13 2.77
N LEU A 475 -16.60 11.98 2.95
CA LEU A 475 -17.51 11.83 1.83
C LEU A 475 -18.24 13.12 1.46
N ARG A 476 -17.80 14.27 1.98
CA ARG A 476 -18.23 15.56 1.46
C ARG A 476 -17.04 16.21 0.76
N GLY A 477 -17.24 17.42 0.26
CA GLY A 477 -16.25 18.03 -0.62
C GLY A 477 -15.97 17.24 -1.89
N THR A 478 -16.92 16.42 -2.33
CA THR A 478 -16.79 15.66 -3.56
C THR A 478 -17.19 16.50 -4.76
N ARG A 479 -16.99 15.93 -5.95
CA ARG A 479 -17.41 16.61 -7.17
C ARG A 479 -18.91 16.94 -7.15
N ALA A 480 -19.73 16.05 -6.61
CA ALA A 480 -21.17 16.33 -6.51
C ALA A 480 -21.45 17.50 -5.58
N HIS A 481 -20.58 17.76 -4.60
CA HIS A 481 -20.78 18.88 -3.69
C HIS A 481 -20.20 20.19 -4.23
N VAL A 482 -18.96 20.19 -4.72
CA VAL A 482 -18.26 21.44 -5.02
C VAL A 482 -17.82 21.56 -6.47
N GLY A 483 -18.09 20.57 -7.33
CA GLY A 483 -17.50 20.60 -8.66
C GLY A 483 -18.00 21.78 -9.49
N ASP A 484 -19.30 22.05 -9.45
CA ASP A 484 -19.86 23.19 -10.18
C ASP A 484 -19.42 24.52 -9.58
N LEU A 485 -19.38 24.60 -8.24
CA LEU A 485 -18.85 25.80 -7.61
C LEU A 485 -17.42 26.08 -8.09
N LEU A 486 -16.55 25.06 -8.04
CA LEU A 486 -15.17 25.25 -8.46
C LEU A 486 -15.09 25.62 -9.93
N ASP A 487 -15.98 25.04 -10.74
CA ASP A 487 -16.07 25.39 -12.16
C ASP A 487 -16.28 26.90 -12.33
N ARG A 488 -17.26 27.44 -11.61
CA ARG A 488 -17.67 28.84 -11.80
C ARG A 488 -16.62 29.82 -11.26
N CYS A 489 -15.96 29.48 -10.17
CA CYS A 489 -15.08 30.44 -9.54
C CYS A 489 -13.81 30.66 -10.37
N ARG A 490 -13.48 31.92 -10.63
CA ARG A 490 -12.29 32.24 -11.39
C ARG A 490 -11.12 32.62 -10.50
N SER A 491 -11.36 32.91 -9.24
CA SER A 491 -10.30 33.24 -8.28
C SER A 491 -10.57 32.52 -6.96
N ALA A 492 -9.48 32.29 -6.21
CA ALA A 492 -9.62 31.77 -4.85
C ALA A 492 -10.43 32.71 -3.96
N THR A 493 -10.34 34.02 -4.20
CA THR A 493 -11.17 34.94 -3.41
C THR A 493 -12.65 34.72 -3.66
N GLU A 494 -13.03 34.55 -4.93
CA GLU A 494 -14.41 34.21 -5.26
C GLU A 494 -14.83 32.90 -4.58
N LEU A 495 -13.95 31.90 -4.59
CA LEU A 495 -14.31 30.62 -3.99
C LEU A 495 -14.49 30.74 -2.48
N VAL A 496 -13.55 31.40 -1.80
CA VAL A 496 -13.71 31.52 -0.35
C VAL A 496 -14.95 32.34 -0.01
N ALA A 497 -15.30 33.32 -0.86
CA ALA A 497 -16.54 34.06 -0.63
C ALA A 497 -17.76 33.14 -0.75
N ALA A 498 -17.79 32.31 -1.80
CA ALA A 498 -18.90 31.39 -1.99
C ALA A 498 -18.99 30.36 -0.87
N LEU A 499 -17.86 29.96 -0.29
CA LEU A 499 -17.83 28.93 0.74
C LEU A 499 -18.09 29.46 2.16
N THR A 500 -17.92 30.76 2.41
CA THR A 500 -18.00 31.24 3.79
C THR A 500 -19.42 31.14 4.33
N GLY A 501 -19.53 30.67 5.57
CA GLY A 501 -20.83 30.32 6.13
C GLY A 501 -21.48 29.09 5.55
N GLY A 502 -20.85 28.45 4.55
CA GLY A 502 -21.43 27.26 3.95
C GLY A 502 -20.63 26.01 4.27
N GLU A 503 -19.81 26.06 5.32
CA GLU A 503 -19.01 24.89 5.66
C GLU A 503 -19.88 23.68 6.00
N ASN A 504 -21.01 23.90 6.69
CA ASN A 504 -21.90 22.79 7.03
C ASN A 504 -22.79 22.40 5.87
N LEU A 505 -22.56 22.96 4.69
CA LEU A 505 -23.17 22.47 3.47
C LEU A 505 -22.18 21.66 2.64
N TYR A 506 -21.03 22.26 2.32
CA TYR A 506 -20.11 21.66 1.37
C TYR A 506 -19.25 20.56 1.97
N PHE A 507 -18.92 20.65 3.25
CA PHE A 507 -17.82 19.86 3.83
C PHE A 507 -18.15 19.08 5.08
N GLN A 508 -19.22 19.42 5.77
CA GLN A 508 -19.60 18.69 6.98
C GLN A 508 -21.12 18.70 7.11
N ASP B 1 13.88 -20.44 -20.15
CA ASP B 1 12.81 -19.91 -21.00
C ASP B 1 13.11 -18.50 -21.50
N ALA B 2 12.17 -17.95 -22.27
CA ALA B 2 12.39 -16.64 -22.87
C ALA B 2 12.38 -15.53 -21.83
N ILE B 3 11.62 -15.69 -20.76
CA ILE B 3 11.54 -14.59 -19.82
C ILE B 3 12.82 -14.46 -18.99
N LEU B 4 13.49 -15.58 -18.68
CA LEU B 4 14.77 -15.48 -17.98
C LEU B 4 15.83 -14.75 -18.78
N ASP B 5 15.70 -14.73 -20.12
CA ASP B 5 16.60 -13.93 -20.94
C ASP B 5 16.27 -12.44 -20.84
N GLU B 6 14.98 -12.10 -20.74
CA GLU B 6 14.61 -10.72 -20.50
C GLU B 6 15.13 -10.23 -19.15
N ILE B 7 14.95 -11.04 -18.10
CA ILE B 7 15.46 -10.66 -16.78
C ILE B 7 16.98 -10.51 -16.81
N ASP B 8 17.67 -11.47 -17.45
CA ASP B 8 19.13 -11.40 -17.55
C ASP B 8 19.58 -10.09 -18.21
N ASP B 9 18.82 -9.63 -19.21
CA ASP B 9 19.14 -8.39 -19.91
C ASP B 9 19.16 -7.18 -18.97
N VAL B 10 18.35 -7.18 -17.91
CA VAL B 10 18.15 -5.97 -17.12
C VAL B 10 18.72 -6.05 -15.71
N LEU B 11 19.17 -7.22 -15.25
CA LEU B 11 19.69 -7.32 -13.88
C LEU B 11 20.81 -6.32 -13.62
N GLU B 12 20.81 -5.73 -12.42
CA GLU B 12 21.89 -4.84 -12.01
C GLU B 12 23.27 -5.49 -12.22
N GLU B 13 24.22 -4.68 -12.65
CA GLU B 13 25.62 -5.13 -12.71
C GLU B 13 26.20 -5.31 -11.30
N ASN B 14 27.30 -6.06 -11.21
CA ASN B 14 28.02 -6.25 -9.94
C ASN B 14 27.06 -6.74 -8.84
N ALA B 15 26.42 -7.88 -9.12
CA ALA B 15 25.29 -8.33 -8.30
C ALA B 15 25.65 -8.45 -6.82
N GLU B 16 26.83 -8.98 -6.51
CA GLU B 16 27.10 -9.21 -5.11
C GLU B 16 27.38 -7.90 -4.40
N GLU B 17 28.03 -6.95 -5.08
CA GLU B 17 28.23 -5.62 -4.55
C GLU B 17 26.91 -4.90 -4.34
N PHE B 18 26.01 -5.03 -5.31
CA PHE B 18 24.70 -4.38 -5.23
C PHE B 18 23.93 -4.88 -4.02
N VAL B 19 23.85 -6.20 -3.86
CA VAL B 19 23.09 -6.78 -2.75
C VAL B 19 23.71 -6.38 -1.41
N ARG B 20 25.04 -6.44 -1.31
CA ARG B 20 25.69 -6.09 -0.06
C ARG B 20 25.52 -4.62 0.30
N SER B 21 25.44 -3.76 -0.71
CA SER B 21 25.31 -2.33 -0.44
CA SER B 21 25.30 -2.33 -0.46
C SER B 21 23.86 -1.89 -0.24
N TYR B 22 22.88 -2.77 -0.46
CA TYR B 22 21.47 -2.36 -0.31
C TYR B 22 21.16 -2.44 1.18
N ILE B 23 21.31 -1.30 1.85
CA ILE B 23 21.17 -1.17 3.30
C ILE B 23 20.23 0.00 3.54
N GLN B 24 19.13 -0.25 4.25
CA GLN B 24 18.10 0.75 4.42
C GLN B 24 17.98 1.17 5.88
N LYS B 25 17.58 2.42 6.10
CA LYS B 25 17.13 2.84 7.42
C LYS B 25 15.78 2.20 7.74
N GLY B 26 15.57 1.88 9.02
CA GLY B 26 14.28 1.36 9.41
C GLY B 26 13.20 2.41 9.19
N GLY B 27 12.04 1.95 8.70
CA GLY B 27 10.90 2.84 8.62
C GLY B 27 9.76 2.27 9.42
N GLU B 28 8.54 2.45 8.93
CA GLU B 28 7.37 1.99 9.66
C GLU B 28 6.91 0.59 9.26
MG MG C . 2.31 7.98 6.46
MG MG D . 5.24 6.28 7.03
MG MG E . 0.66 5.06 8.46
PB ADP F . 0.19 8.55 8.83
O1B ADP F . -0.04 9.56 9.88
O2B ADP F . -0.40 7.22 9.23
O3B ADP F . 1.62 8.46 8.32
PA ADP F . -0.43 9.60 6.11
O1A ADP F . -0.74 11.09 6.15
O2A ADP F . 0.90 9.13 5.50
O3A ADP F . -0.73 8.94 7.54
O5' ADP F . -1.60 8.87 5.26
C5' ADP F . -2.97 8.76 5.70
C4' ADP F . -3.70 7.73 4.82
O4' ADP F . -5.04 7.59 5.33
C3' ADP F . -3.87 8.24 3.39
O3' ADP F . -3.79 7.13 2.46
C2' ADP F . -5.26 8.86 3.39
O2' ADP F . -5.94 8.77 2.14
C1' ADP F . -5.99 7.94 4.32
N9 ADP F . -7.07 8.61 5.03
C8 ADP F . -7.18 9.92 5.36
N7 ADP F . -8.32 10.11 6.08
C5 ADP F . -8.92 8.91 6.20
C6 ADP F . -10.15 8.41 6.83
N6 ADP F . -10.98 9.28 7.49
N1 ADP F . -10.38 7.07 6.71
C2 ADP F . -9.57 6.21 6.06
N3 ADP F . -8.43 6.61 5.46
C4 ADP F . -8.09 7.92 5.51
C1 EDO G . 2.92 -0.30 -19.94
O1 EDO G . 3.81 -1.43 -20.02
C2 EDO G . 3.65 1.00 -19.62
O2 EDO G . 3.92 1.11 -18.21
C1 EDO H . 27.32 -16.17 -0.79
O1 EDO H . 27.18 -16.73 -2.10
C2 EDO H . 25.94 -15.75 -0.28
O2 EDO H . 26.02 -15.01 0.95
C1 EDO I . 20.16 -26.08 -6.62
O1 EDO I . 18.97 -26.73 -7.07
C2 EDO I . 20.75 -26.78 -5.41
O2 EDO I . 20.06 -26.38 -4.22
C1 EDO J . -13.63 8.10 -8.27
O1 EDO J . -13.30 9.08 -9.24
C2 EDO J . -14.24 6.86 -8.92
O2 EDO J . -15.07 6.18 -7.95
C1 EDO K . -18.83 32.19 -8.08
O1 EDO K . -19.26 32.90 -9.24
C2 EDO K . -19.78 32.42 -6.92
O2 EDO K . -21.04 31.78 -7.18
C1 EDO L . -22.80 12.62 3.41
O1 EDO L . -22.11 12.39 2.16
C2 EDO L . -21.83 12.88 4.56
O2 EDO L . -22.45 13.75 5.55
C1 PEG M . -16.89 -2.01 -11.06
O1 PEG M . -17.80 -1.39 -10.19
C2 PEG M . -16.72 -3.49 -10.72
O2 PEG M . -15.58 -4.01 -11.35
C3 PEG M . -14.61 -4.52 -10.48
C4 PEG M . -13.28 -3.79 -10.66
O4 PEG M . -12.63 -4.24 -11.83
C1 PEG N . 7.65 -15.16 18.77
O1 PEG N . 7.55 -16.20 17.84
C2 PEG N . 8.93 -14.36 18.53
O2 PEG N . 8.97 -13.22 19.36
C3 PEG N . 9.77 -12.16 18.88
C4 PEG N . 11.22 -12.60 18.65
O4 PEG N . 11.69 -12.08 17.43
C ACT O . -0.96 36.03 5.69
O ACT O . -2.09 36.56 5.43
OXT ACT O . -0.17 35.43 4.90
CH3 ACT O . -0.52 36.12 7.19
C1 PGE P . 8.39 -23.57 -3.70
O1 PGE P . 7.32 -24.11 -2.95
C2 PGE P . 9.14 -22.57 -2.84
O2 PGE P . 10.38 -23.11 -2.41
C3 PGE P . 10.44 -23.35 -1.02
C4 PGE P . 11.87 -23.43 -0.49
O4 PGE P . 11.22 -21.48 3.57
C6 PGE P . 11.08 -22.42 2.51
C5 PGE P . 12.36 -22.59 1.70
O3 PGE P . 12.15 -22.31 0.33
C1 PGE Q . -9.90 34.36 10.61
O1 PGE Q . -10.54 34.97 9.50
C2 PGE Q . -9.77 32.87 10.35
O2 PGE Q . -8.76 32.30 11.15
C3 PGE Q . -7.83 31.53 10.43
C4 PGE Q . -6.58 31.27 11.26
O4 PGE Q . -2.58 32.37 11.14
C6 PGE Q . -3.52 33.29 11.67
C5 PGE Q . -4.77 32.54 12.10
O3 PGE Q . -5.59 32.25 10.97
C1 PGE R . 0.19 33.52 10.25
O1 PGE R . -0.84 33.87 9.33
C2 PGE R . 0.40 32.02 10.20
O2 PGE R . 1.31 31.62 11.21
C3 PGE R . 0.78 31.63 12.53
C4 PGE R . 1.54 32.65 13.36
O4 PGE R . 4.21 34.14 15.18
C6 PGE R . 4.79 32.96 14.64
C5 PGE R . 3.91 32.48 13.49
O3 PGE R . 2.66 32.05 13.98
O1 KQB S . 4.41 8.78 9.65
F1 KQB S . 3.63 7.19 7.53
MG1 KQB S . 3.17 7.18 9.37
F2 KQB S . 2.00 5.63 9.34
F3 KQB S . 2.63 7.48 11.17
C1 EDO T . 24.12 -9.03 -19.40
O1 EDO T . 25.42 -8.41 -19.41
C2 EDO T . 24.08 -10.21 -20.37
O2 EDO T . 22.85 -10.95 -20.22
#